data_5TZ2
#
_entry.id   5TZ2
#
_cell.length_a   60.567
_cell.length_b   72.934
_cell.length_c   72.698
_cell.angle_alpha   90.000
_cell.angle_beta   108.970
_cell.angle_gamma   90.000
#
_symmetry.space_group_name_H-M   'P 1 21 1'
#
loop_
_entity.id
_entity.type
_entity.pdbx_description
1 polymer 'C47B222 Fab Heavy Chain'
2 polymer 'C47B222 Fab Light Chain'
3 polymer 'Leukocyte surface antigen CD47'
4 branched 2-acetamido-2-deoxy-beta-D-glucopyranose-(1-4)-2-acetamido-2-deoxy-beta-D-glucopyranose
5 non-polymer GLYCEROL
6 non-polymer 2-acetamido-2-deoxy-beta-D-glucopyranose
7 water water
#
loop_
_entity_poly.entity_id
_entity_poly.type
_entity_poly.pdbx_seq_one_letter_code
_entity_poly.pdbx_strand_id
1 'polypeptide(L)'
;EVQLVQSGAEVKKPGESLKISCKGSGYSFTDYWIGWVRQMPGKGLEWMGIIYPGDSDTRYSPSFQGQVTISADKSISTAY
LQWSSLKASDTAVYYCARVGRFASHQLDYWGQGTLVTVSSASTKGPSVFPLAPSSKSTSGGTAALGCLVKDYFPEPVTVS
WNSGALTSGVHTFPAVLQSSGLYSLSSVVTVPSSSLGTQTYICNVNHKPSNTKVDKKVEPKSCHHHHHH
;
H
2 'polypeptide(L)'
;EIVLTQSPATLSLSPGERATLSCRASQSVNNRLAWYQQKPGQAPRLLIHWASTRAIGIPARFSGSGSGTDFTLTISSLEP
EDFAVYYCQQGASWPFTFGQGTKVEIKRTVAAPSVFIFPPSDEQLKSGTASVVCLLNNFYPREAKVQWKVDNALQSGNSQ
ESVTEQDSKDSTYSLSSTLTLSKADYEKHKVYACEVTHQGLSSPVTKSFNRGEC
;
L
3 'polypeptide(L)'
;QLLFNKTKSVEFTFGNDTVVIPCFVTNMEAQNTTEVYVKWKFKGRDIYTFDGALNKSTVPTDFSSAKIEVSQLLKGDASL
KMDKSDAVSHTGNYTCEVTELTREGETIIELKYRVVSWFSPNEHHHHHH
;
C
#
# COMPACT_ATOMS: atom_id res chain seq x y z
N GLU A 1 23.18 -2.79 1.95
CA GLU A 1 21.99 -2.13 1.44
C GLU A 1 20.92 -2.02 2.52
N VAL A 2 20.07 -1.00 2.40
CA VAL A 2 19.02 -0.77 3.39
C VAL A 2 17.92 -1.81 3.29
N GLN A 3 17.63 -2.47 4.40
CA GLN A 3 16.60 -3.50 4.45
C GLN A 3 15.77 -3.40 5.72
N LEU A 4 14.45 -3.53 5.58
CA LEU A 4 13.54 -3.53 6.71
C LEU A 4 12.71 -4.81 6.71
N VAL A 5 13.05 -5.72 7.62
CA VAL A 5 12.36 -7.01 7.69
C VAL A 5 11.35 -7.02 8.85
N GLN A 6 10.10 -7.31 8.52
CA GLN A 6 9.05 -7.35 9.52
C GLN A 6 8.74 -8.78 9.94
N SER A 7 8.03 -8.93 11.05
CA SER A 7 7.64 -10.25 11.56
C SER A 7 6.59 -10.88 10.66
N GLY A 8 6.37 -12.18 10.84
CA GLY A 8 5.44 -12.92 10.01
C GLY A 8 3.98 -12.56 10.26
N ALA A 9 3.10 -13.16 9.47
CA ALA A 9 1.66 -12.91 9.57
C ALA A 9 1.12 -13.37 10.92
N GLU A 10 0.13 -12.63 11.43
CA GLU A 10 -0.46 -12.94 12.72
C GLU A 10 -1.96 -13.18 12.63
N VAL A 11 -2.42 -14.25 13.27
CA VAL A 11 -3.85 -14.55 13.34
C VAL A 11 -4.30 -14.56 14.80
N LYS A 12 -5.01 -13.53 15.21
CA LYS A 12 -5.39 -13.37 16.61
C LYS A 12 -6.90 -13.27 16.79
N LYS A 13 -7.35 -13.31 18.04
CA LYS A 13 -8.75 -13.16 18.38
C LYS A 13 -8.98 -11.81 19.06
N PRO A 14 -10.20 -11.25 18.94
CA PRO A 14 -10.53 -9.97 19.56
C PRO A 14 -10.29 -9.96 21.07
N GLY A 15 -9.57 -8.95 21.55
CA GLY A 15 -9.29 -8.83 22.97
C GLY A 15 -7.88 -9.26 23.33
N GLU A 16 -7.18 -9.85 22.37
CA GLU A 16 -5.82 -10.32 22.59
C GLU A 16 -4.79 -9.22 22.34
N SER A 17 -3.62 -9.36 22.95
CA SER A 17 -2.52 -8.42 22.74
C SER A 17 -1.66 -8.88 21.56
N LEU A 18 -0.96 -7.94 20.96
CA LEU A 18 -0.12 -8.25 19.79
C LEU A 18 1.06 -7.29 19.67
N LYS A 19 2.21 -7.83 19.33
CA LYS A 19 3.41 -7.02 19.13
C LYS A 19 4.16 -7.45 17.88
N ILE A 20 4.07 -6.65 16.83
CA ILE A 20 4.78 -6.93 15.59
C ILE A 20 6.04 -6.08 15.50
N SER A 21 7.06 -6.63 14.84
CA SER A 21 8.38 -6.00 14.83
C SER A 21 8.86 -5.64 13.44
N CYS A 22 9.96 -4.89 13.39
CA CYS A 22 10.58 -4.48 12.14
C CYS A 22 12.06 -4.17 12.36
N LYS A 23 12.92 -5.06 11.89
CA LYS A 23 14.36 -4.89 12.09
C LYS A 23 15.02 -4.26 10.88
N GLY A 24 15.74 -3.16 11.11
CA GLY A 24 16.44 -2.47 10.04
C GLY A 24 17.90 -2.88 9.96
N SER A 25 18.44 -2.90 8.75
CA SER A 25 19.83 -3.28 8.53
C SER A 25 20.41 -2.60 7.30
N GLY A 26 21.73 -2.48 7.25
CA GLY A 26 22.41 -1.88 6.12
C GLY A 26 22.54 -0.37 6.26
N TYR A 27 22.12 0.16 7.40
CA TYR A 27 22.21 1.59 7.66
C TYR A 27 22.18 1.88 9.16
N SER A 28 22.53 3.10 9.53
CA SER A 28 22.47 3.52 10.93
C SER A 28 21.02 3.65 11.38
N PHE A 29 20.52 2.61 12.03
CA PHE A 29 19.12 2.52 12.43
C PHE A 29 18.70 3.63 13.40
N THR A 30 19.66 4.12 14.17
CA THR A 30 19.37 5.09 15.23
C THR A 30 19.35 6.53 14.75
N ASP A 31 19.49 6.73 13.44
CA ASP A 31 19.60 8.09 12.89
C ASP A 31 18.48 8.41 11.89
N TYR A 32 17.52 7.51 11.75
CA TYR A 32 16.39 7.74 10.85
C TYR A 32 15.06 7.46 11.52
N TRP A 33 14.07 8.28 11.20
CA TRP A 33 12.72 8.07 11.71
C TRP A 33 12.11 6.80 11.11
N ILE A 34 11.38 6.05 11.92
CA ILE A 34 10.67 4.87 11.43
C ILE A 34 9.16 5.08 11.52
N GLY A 35 8.50 4.98 10.37
CA GLY A 35 7.06 5.18 10.31
C GLY A 35 6.28 3.89 10.19
N TRP A 36 5.08 3.88 10.77
CA TRP A 36 4.19 2.73 10.66
C TRP A 36 2.95 3.09 9.84
N VAL A 37 2.66 2.28 8.83
CA VAL A 37 1.55 2.54 7.93
C VAL A 37 0.54 1.40 7.93
N ARG A 38 -0.73 1.74 8.09
CA ARG A 38 -1.80 0.75 8.06
C ARG A 38 -2.54 0.78 6.73
N GLN A 39 -2.76 -0.40 6.15
CA GLN A 39 -3.54 -0.50 4.93
C GLN A 39 -4.60 -1.59 5.05
N MET A 40 -5.81 -1.18 5.41
CA MET A 40 -6.94 -2.08 5.51
C MET A 40 -7.30 -2.63 4.13
N PRO A 41 -7.81 -3.88 4.07
CA PRO A 41 -8.13 -4.57 2.83
C PRO A 41 -8.96 -3.73 1.85
N GLY A 42 -8.38 -3.41 0.70
CA GLY A 42 -9.05 -2.65 -0.33
C GLY A 42 -9.15 -1.17 -0.02
N LYS A 43 -8.33 -0.70 0.92
CA LYS A 43 -8.35 0.71 1.32
C LYS A 43 -7.01 1.38 1.07
N GLY A 44 -6.93 2.67 1.37
CA GLY A 44 -5.73 3.44 1.13
C GLY A 44 -4.73 3.36 2.27
N LEU A 45 -3.64 4.09 2.13
CA LEU A 45 -2.57 4.09 3.13
C LEU A 45 -2.89 5.04 4.29
N GLU A 46 -2.62 4.59 5.51
CA GLU A 46 -2.86 5.39 6.70
C GLU A 46 -1.60 5.52 7.55
N TRP A 47 -1.12 6.75 7.71
CA TRP A 47 0.06 7.01 8.52
C TRP A 47 -0.28 6.94 10.01
N MET A 48 0.16 5.87 10.66
CA MET A 48 -0.15 5.67 12.07
C MET A 48 0.71 6.53 12.98
N GLY A 49 2.01 6.55 12.71
CA GLY A 49 2.93 7.35 13.50
C GLY A 49 4.39 7.05 13.20
N ILE A 50 5.27 7.89 13.74
CA ILE A 50 6.71 7.72 13.54
C ILE A 50 7.44 7.66 14.87
N ILE A 51 8.64 7.09 14.85
CA ILE A 51 9.48 7.02 16.04
C ILE A 51 10.95 7.19 15.67
N TYR A 52 11.66 7.98 16.47
CA TYR A 52 13.09 8.15 16.29
C TYR A 52 13.84 7.29 17.30
N PRO A 53 14.41 6.17 16.83
CA PRO A 53 15.07 5.15 17.67
C PRO A 53 16.20 5.71 18.53
N GLY A 54 16.70 6.89 18.19
CA GLY A 54 17.77 7.51 18.95
C GLY A 54 17.39 7.79 20.38
N ASP A 55 16.21 8.38 20.58
CA ASP A 55 15.75 8.72 21.92
C ASP A 55 14.32 8.26 22.14
N SER A 56 13.84 7.40 21.25
CA SER A 56 12.47 6.87 21.29
C SER A 56 11.43 7.98 21.27
N ASP A 57 11.71 9.03 20.53
CA ASP A 57 10.76 10.12 20.34
C ASP A 57 9.63 9.66 19.42
N THR A 58 8.42 9.55 19.98
CA THR A 58 7.29 9.01 19.23
C THR A 58 6.23 10.06 18.93
N ARG A 59 5.78 10.09 17.68
CA ARG A 59 4.70 10.96 17.27
C ARG A 59 3.55 10.12 16.72
N TYR A 60 2.35 10.32 17.25
CA TYR A 60 1.19 9.55 16.83
C TYR A 60 0.21 10.37 16.01
N SER A 61 -0.49 9.71 15.10
CA SER A 61 -1.62 10.32 14.41
C SER A 61 -2.81 10.38 15.35
N PRO A 62 -3.60 11.46 15.28
CA PRO A 62 -4.76 11.67 16.16
C PRO A 62 -5.75 10.51 16.10
N SER A 63 -5.79 9.80 14.99
CA SER A 63 -6.73 8.69 14.82
C SER A 63 -6.19 7.40 15.45
N PHE A 64 -4.92 7.43 15.84
CA PHE A 64 -4.29 6.23 16.39
C PHE A 64 -3.70 6.46 17.78
N GLN A 65 -3.79 7.69 18.27
CA GLN A 65 -3.26 8.02 19.59
C GLN A 65 -4.11 7.40 20.69
N GLY A 66 -3.49 6.55 21.51
CA GLY A 66 -4.19 5.87 22.57
C GLY A 66 -4.74 4.52 22.13
N GLN A 67 -4.72 4.29 20.81
CA GLN A 67 -5.23 3.06 20.24
C GLN A 67 -4.11 2.06 20.01
N VAL A 68 -2.88 2.55 19.98
CA VAL A 68 -1.72 1.70 19.70
C VAL A 68 -0.47 2.28 20.35
N THR A 69 0.54 1.43 20.53
CA THR A 69 1.80 1.86 21.14
C THR A 69 2.98 1.57 20.22
N ILE A 70 3.80 2.58 19.96
CA ILE A 70 4.98 2.42 19.13
C ILE A 70 6.25 2.56 19.95
N SER A 71 7.14 1.56 19.85
CA SER A 71 8.39 1.58 20.59
C SER A 71 9.55 1.11 19.70
N ALA A 72 10.76 1.17 20.24
CA ALA A 72 11.94 0.73 19.51
C ALA A 72 13.03 0.25 20.47
N ASP A 73 13.88 -0.64 19.96
CA ASP A 73 14.99 -1.17 20.75
C ASP A 73 16.32 -0.97 20.02
N LYS A 74 17.14 -0.08 20.54
CA LYS A 74 18.42 0.27 19.90
C LYS A 74 19.39 -0.90 19.86
N SER A 75 19.29 -1.77 20.86
CA SER A 75 20.24 -2.88 21.01
C SER A 75 20.19 -3.87 19.84
N ILE A 76 19.03 -3.98 19.20
CA ILE A 76 18.86 -4.94 18.11
C ILE A 76 18.29 -4.28 16.85
N SER A 77 18.25 -2.94 16.85
CA SER A 77 17.77 -2.16 15.71
C SER A 77 16.39 -2.60 15.24
N THR A 78 15.42 -2.58 16.15
CA THR A 78 14.07 -3.06 15.86
C THR A 78 13.00 -2.11 16.38
N ALA A 79 12.05 -1.78 15.50
CA ALA A 79 10.91 -0.95 15.88
C ALA A 79 9.70 -1.85 16.12
N TYR A 80 8.81 -1.44 17.04
CA TYR A 80 7.68 -2.26 17.41
C TYR A 80 6.34 -1.54 17.26
N LEU A 81 5.31 -2.32 16.95
CA LEU A 81 3.93 -1.83 16.93
C LEU A 81 3.09 -2.75 17.81
N GLN A 82 2.51 -2.20 18.88
CA GLN A 82 1.89 -3.03 19.90
C GLN A 82 0.46 -2.62 20.25
N TRP A 83 -0.42 -3.61 20.33
CA TRP A 83 -1.79 -3.41 20.79
C TRP A 83 -2.00 -4.06 22.16
N SER A 84 -2.93 -3.52 22.93
CA SER A 84 -3.25 -4.09 24.23
C SER A 84 -4.55 -4.87 24.15
N SER A 85 -5.45 -4.44 23.27
CA SER A 85 -6.72 -5.12 23.07
C SER A 85 -7.15 -5.01 21.61
N LEU A 86 -6.88 -6.05 20.83
CA LEU A 86 -7.17 -6.05 19.41
C LEU A 86 -8.67 -6.04 19.10
N LYS A 87 -9.04 -5.35 18.03
CA LYS A 87 -10.40 -5.35 17.53
C LYS A 87 -10.44 -5.98 16.15
N ALA A 88 -11.63 -6.36 15.69
CA ALA A 88 -11.78 -6.96 14.38
C ALA A 88 -11.42 -5.95 13.28
N SER A 89 -11.60 -4.67 13.58
CA SER A 89 -11.30 -3.60 12.64
C SER A 89 -9.80 -3.37 12.47
N ASP A 90 -9.02 -4.01 13.34
CA ASP A 90 -7.56 -3.89 13.26
C ASP A 90 -7.00 -4.80 12.17
N THR A 91 -7.87 -5.59 11.55
CA THR A 91 -7.47 -6.47 10.46
C THR A 91 -6.98 -5.67 9.27
N ALA A 92 -5.66 -5.66 9.06
CA ALA A 92 -5.05 -4.89 7.99
C ALA A 92 -3.63 -5.35 7.71
N VAL A 93 -3.01 -4.76 6.69
CA VAL A 93 -1.60 -4.96 6.41
C VAL A 93 -0.80 -3.80 6.98
N TYR A 94 0.17 -4.10 7.83
CA TYR A 94 0.96 -3.06 8.48
C TYR A 94 2.37 -2.99 7.92
N TYR A 95 2.74 -1.81 7.42
CA TYR A 95 4.06 -1.59 6.87
C TYR A 95 4.91 -0.72 7.80
N CYS A 96 6.17 -1.12 7.97
CA CYS A 96 7.15 -0.23 8.57
C CYS A 96 7.99 0.37 7.45
N ALA A 97 8.41 1.61 7.63
CA ALA A 97 9.17 2.28 6.58
C ALA A 97 10.11 3.33 7.16
N ARG A 98 11.22 3.56 6.47
CA ARG A 98 12.19 4.55 6.91
C ARG A 98 11.89 5.92 6.32
N VAL A 99 11.80 6.92 7.19
CA VAL A 99 11.59 8.29 6.75
C VAL A 99 12.92 8.89 6.27
N GLY A 100 12.96 9.29 5.01
CA GLY A 100 14.15 9.90 4.45
C GLY A 100 14.49 11.20 5.15
N ARG A 101 15.78 11.54 5.17
CA ARG A 101 16.23 12.78 5.79
C ARG A 101 16.05 13.94 4.82
N PHE A 102 14.79 14.26 4.51
CA PHE A 102 14.47 15.35 3.60
C PHE A 102 13.28 16.14 4.11
N ALA A 103 13.03 17.29 3.50
CA ALA A 103 11.94 18.18 3.93
C ALA A 103 10.57 17.58 3.69
N SER A 104 10.49 16.64 2.74
CA SER A 104 9.20 16.03 2.38
C SER A 104 8.85 14.86 3.29
N HIS A 105 9.84 14.38 4.05
CA HIS A 105 9.67 13.24 4.95
C HIS A 105 9.11 12.01 4.23
N GLN A 106 9.57 11.80 3.00
CA GLN A 106 9.10 10.66 2.20
C GLN A 106 9.62 9.36 2.76
N LEU A 107 9.01 8.25 2.34
CA LEU A 107 9.40 6.92 2.80
C LEU A 107 10.16 6.18 1.69
N ASP A 108 11.48 6.25 1.75
CA ASP A 108 12.32 5.70 0.69
C ASP A 108 12.38 4.17 0.69
N TYR A 109 12.39 3.57 1.88
CA TYR A 109 12.47 2.13 2.00
C TYR A 109 11.33 1.56 2.82
N TRP A 110 10.77 0.45 2.35
CA TRP A 110 9.61 -0.17 3.01
C TRP A 110 9.90 -1.61 3.43
N GLY A 111 9.13 -2.08 4.41
CA GLY A 111 9.18 -3.48 4.79
C GLY A 111 8.28 -4.28 3.88
N GLN A 112 8.30 -5.60 4.02
CA GLN A 112 7.47 -6.46 3.18
C GLN A 112 6.00 -6.40 3.62
N GLY A 113 5.78 -5.88 4.82
CA GLY A 113 4.43 -5.77 5.36
C GLY A 113 4.07 -6.94 6.24
N THR A 114 3.23 -6.68 7.25
CA THR A 114 2.77 -7.73 8.15
C THR A 114 1.26 -7.85 8.11
N LEU A 115 0.77 -9.00 7.63
CA LEU A 115 -0.66 -9.25 7.56
C LEU A 115 -1.22 -9.66 8.92
N VAL A 116 -2.09 -8.82 9.47
CA VAL A 116 -2.72 -9.11 10.75
C VAL A 116 -4.21 -9.36 10.57
N THR A 117 -4.66 -10.56 10.96
CA THR A 117 -6.07 -10.92 10.85
C THR A 117 -6.69 -11.10 12.23
N VAL A 118 -7.77 -10.38 12.50
CA VAL A 118 -8.45 -10.46 13.78
C VAL A 118 -9.92 -10.81 13.62
N SER A 119 -10.30 -11.96 14.16
CA SER A 119 -11.70 -12.39 14.16
C SER A 119 -11.92 -13.47 15.22
N SER A 120 -13.20 -13.72 15.54
CA SER A 120 -13.55 -14.69 16.57
C SER A 120 -13.49 -16.13 16.04
N ALA A 121 -13.27 -16.27 14.74
CA ALA A 121 -13.22 -17.58 14.10
C ALA A 121 -11.94 -18.33 14.47
N SER A 122 -11.91 -19.63 14.15
CA SER A 122 -10.74 -20.46 14.39
C SER A 122 -10.32 -21.17 13.12
N THR A 123 -9.14 -21.79 13.15
CA THR A 123 -8.60 -22.48 11.97
C THR A 123 -9.49 -23.65 11.56
N LYS A 124 -9.97 -23.61 10.33
CA LYS A 124 -10.85 -24.66 9.82
C LYS A 124 -10.52 -25.00 8.36
N GLY A 125 -10.49 -26.30 8.07
CA GLY A 125 -10.26 -26.76 6.70
C GLY A 125 -11.49 -26.58 5.84
N PRO A 126 -11.29 -26.28 4.56
CA PRO A 126 -12.38 -25.99 3.62
C PRO A 126 -13.07 -27.25 3.08
N SER A 127 -14.33 -27.10 2.69
CA SER A 127 -15.05 -28.15 1.98
C SER A 127 -15.09 -27.79 0.50
N VAL A 128 -14.69 -28.73 -0.35
CA VAL A 128 -14.60 -28.46 -1.79
C VAL A 128 -15.76 -29.08 -2.56
N PHE A 129 -16.59 -28.23 -3.14
CA PHE A 129 -17.74 -28.69 -3.93
C PHE A 129 -17.54 -28.38 -5.41
N PRO A 130 -17.85 -29.35 -6.28
CA PRO A 130 -17.64 -29.22 -7.72
C PRO A 130 -18.66 -28.31 -8.39
N LEU A 131 -18.19 -27.57 -9.40
CA LEU A 131 -19.08 -26.75 -10.23
C LEU A 131 -19.20 -27.38 -11.61
N ALA A 132 -20.07 -28.36 -11.73
CA ALA A 132 -20.24 -29.12 -12.98
C ALA A 132 -20.78 -28.23 -14.09
N PRO A 133 -20.22 -28.40 -15.31
CA PRO A 133 -20.66 -27.64 -16.48
C PRO A 133 -22.06 -28.05 -16.94
N GLY A 141 -19.85 -24.09 -27.68
CA GLY A 141 -18.44 -24.08 -28.05
C GLY A 141 -17.53 -24.07 -26.85
N THR A 142 -17.66 -23.04 -26.02
CA THR A 142 -16.83 -22.90 -24.83
C THR A 142 -17.62 -23.22 -23.56
N ALA A 143 -17.18 -24.25 -22.84
CA ALA A 143 -17.84 -24.65 -21.61
C ALA A 143 -17.03 -24.21 -20.40
N ALA A 144 -17.69 -24.04 -19.26
CA ALA A 144 -17.03 -23.60 -18.05
C ALA A 144 -17.31 -24.56 -16.88
N LEU A 145 -16.27 -24.81 -16.08
CA LEU A 145 -16.41 -25.64 -14.90
C LEU A 145 -15.49 -25.14 -13.79
N GLY A 146 -15.70 -25.62 -12.58
CA GLY A 146 -14.89 -25.19 -11.46
C GLY A 146 -15.14 -25.92 -10.16
N CYS A 147 -14.76 -25.27 -9.05
CA CYS A 147 -14.96 -25.83 -7.73
C CYS A 147 -15.20 -24.73 -6.70
N LEU A 148 -16.04 -25.02 -5.72
CA LEU A 148 -16.36 -24.05 -4.68
C LEU A 148 -15.63 -24.38 -3.37
N VAL A 149 -14.67 -23.53 -3.01
CA VAL A 149 -13.94 -23.69 -1.76
C VAL A 149 -14.61 -22.88 -0.65
N LYS A 150 -15.43 -23.55 0.14
CA LYS A 150 -16.31 -22.87 1.09
C LYS A 150 -15.96 -23.14 2.55
N ASP A 151 -16.18 -22.13 3.40
CA ASP A 151 -16.08 -22.25 4.84
C ASP A 151 -14.69 -22.66 5.34
N TYR A 152 -13.71 -21.78 5.12
CA TYR A 152 -12.37 -22.02 5.65
C TYR A 152 -11.85 -20.80 6.38
N PHE A 153 -10.85 -21.02 7.23
CA PHE A 153 -10.21 -19.94 7.98
C PHE A 153 -8.83 -20.39 8.47
N PRO A 154 -7.84 -19.50 8.36
CA PRO A 154 -7.96 -18.18 7.75
C PRO A 154 -7.47 -18.17 6.30
N GLU A 155 -7.06 -16.99 5.84
CA GLU A 155 -6.46 -16.84 4.52
C GLU A 155 -4.99 -17.29 4.57
N PRO A 156 -4.45 -17.73 3.43
CA PRO A 156 -5.11 -17.90 2.14
C PRO A 156 -5.35 -19.37 1.78
N VAL A 157 -5.79 -19.59 0.55
CA VAL A 157 -5.92 -20.94 0.02
C VAL A 157 -5.43 -20.95 -1.43
N THR A 158 -4.74 -22.01 -1.82
CA THR A 158 -4.21 -22.12 -3.17
C THR A 158 -4.99 -23.15 -3.98
N VAL A 159 -5.37 -22.78 -5.19
CA VAL A 159 -6.10 -23.68 -6.07
C VAL A 159 -5.43 -23.78 -7.43
N SER A 160 -5.06 -25.01 -7.80
CA SER A 160 -4.53 -25.26 -9.14
C SER A 160 -5.45 -26.24 -9.87
N TRP A 161 -5.13 -26.53 -11.13
CA TRP A 161 -5.93 -27.45 -11.92
C TRP A 161 -5.05 -28.45 -12.64
N ASN A 162 -5.36 -29.74 -12.47
CA ASN A 162 -4.57 -30.83 -13.05
C ASN A 162 -3.10 -30.74 -12.64
N SER A 163 -2.88 -30.43 -11.36
CA SER A 163 -1.53 -30.32 -10.80
C SER A 163 -0.69 -29.26 -11.52
N GLY A 164 -1.33 -28.18 -11.91
CA GLY A 164 -0.63 -27.07 -12.56
C GLY A 164 -0.42 -27.26 -14.05
N ALA A 165 -0.94 -28.36 -14.59
CA ALA A 165 -0.83 -28.62 -16.02
C ALA A 165 -1.87 -27.84 -16.81
N LEU A 166 -2.76 -27.16 -16.09
CA LEU A 166 -3.81 -26.35 -16.71
C LEU A 166 -3.85 -24.96 -16.10
N THR A 167 -3.50 -23.96 -16.91
CA THR A 167 -3.45 -22.58 -16.43
C THR A 167 -4.29 -21.62 -17.29
N SER A 168 -4.47 -21.98 -18.55
CA SER A 168 -5.21 -21.14 -19.48
C SER A 168 -6.70 -21.08 -19.14
N GLY A 169 -7.22 -19.87 -19.03
CA GLY A 169 -8.63 -19.67 -18.77
C GLY A 169 -9.02 -19.90 -17.32
N VAL A 170 -8.02 -20.12 -16.47
CA VAL A 170 -8.27 -20.36 -15.05
C VAL A 170 -8.47 -19.06 -14.29
N HIS A 171 -9.59 -18.96 -13.58
CA HIS A 171 -9.89 -17.78 -12.77
C HIS A 171 -10.17 -18.16 -11.32
N THR A 172 -9.24 -17.82 -10.44
CA THR A 172 -9.44 -18.02 -9.01
C THR A 172 -9.82 -16.70 -8.35
N PHE A 173 -11.10 -16.56 -8.02
CA PHE A 173 -11.62 -15.29 -7.52
C PHE A 173 -11.18 -15.00 -6.09
N PRO A 174 -11.06 -13.71 -5.74
CA PRO A 174 -10.77 -13.29 -4.37
C PRO A 174 -11.83 -13.82 -3.40
N ALA A 175 -11.41 -14.27 -2.23
CA ALA A 175 -12.33 -14.83 -1.26
C ALA A 175 -13.24 -13.76 -0.67
N VAL A 176 -14.43 -14.17 -0.22
CA VAL A 176 -15.35 -13.27 0.44
C VAL A 176 -15.60 -13.72 1.88
N LEU A 177 -15.66 -12.76 2.79
CA LEU A 177 -15.93 -13.05 4.19
C LEU A 177 -17.43 -13.17 4.44
N GLN A 178 -17.87 -14.38 4.79
CA GLN A 178 -19.28 -14.64 5.03
C GLN A 178 -19.71 -14.17 6.41
N SER A 179 -20.98 -14.37 6.73
CA SER A 179 -21.53 -13.93 8.01
C SER A 179 -21.04 -14.80 9.17
N SER A 180 -20.56 -16.00 8.84
CA SER A 180 -20.08 -16.93 9.86
C SER A 180 -18.65 -16.62 10.27
N GLY A 181 -18.03 -15.66 9.59
CA GLY A 181 -16.65 -15.31 9.85
C GLY A 181 -15.70 -16.19 9.06
N LEU A 182 -16.27 -17.07 8.24
CA LEU A 182 -15.50 -17.98 7.41
C LEU A 182 -15.42 -17.49 5.98
N TYR A 183 -14.34 -17.83 5.29
CA TYR A 183 -14.12 -17.38 3.92
C TYR A 183 -14.68 -18.38 2.90
N SER A 184 -15.06 -17.87 1.74
CA SER A 184 -15.54 -18.69 0.65
C SER A 184 -14.89 -18.26 -0.66
N LEU A 185 -14.43 -19.22 -1.45
CA LEU A 185 -13.72 -18.92 -2.67
C LEU A 185 -14.22 -19.77 -3.84
N SER A 186 -14.19 -19.19 -5.03
CA SER A 186 -14.55 -19.92 -6.25
C SER A 186 -13.38 -19.92 -7.23
N SER A 187 -13.16 -21.07 -7.87
CA SER A 187 -12.14 -21.18 -8.91
C SER A 187 -12.73 -21.85 -10.14
N VAL A 188 -12.69 -21.15 -11.27
CA VAL A 188 -13.28 -21.66 -12.49
C VAL A 188 -12.29 -21.72 -13.65
N VAL A 189 -12.65 -22.45 -14.69
CA VAL A 189 -11.81 -22.56 -15.88
C VAL A 189 -12.65 -22.88 -17.11
N THR A 190 -12.43 -22.13 -18.19
CA THR A 190 -13.14 -22.36 -19.44
C THR A 190 -12.40 -23.33 -20.34
N VAL A 191 -13.08 -24.41 -20.71
CA VAL A 191 -12.50 -25.45 -21.55
C VAL A 191 -13.41 -25.74 -22.73
N PRO A 192 -12.84 -26.25 -23.84
CA PRO A 192 -13.66 -26.66 -25.00
C PRO A 192 -14.73 -27.67 -24.61
N SER A 193 -15.95 -27.44 -25.06
CA SER A 193 -17.08 -28.30 -24.72
C SER A 193 -16.90 -29.73 -25.21
N SER A 194 -16.10 -29.90 -26.26
CA SER A 194 -15.87 -31.21 -26.85
C SER A 194 -14.87 -32.04 -26.03
N SER A 195 -14.29 -31.42 -25.02
CA SER A 195 -13.30 -32.09 -24.18
C SER A 195 -13.89 -32.57 -22.86
N LEU A 196 -15.19 -32.30 -22.67
CA LEU A 196 -15.87 -32.66 -21.43
C LEU A 196 -16.10 -34.16 -21.31
N GLY A 197 -15.96 -34.87 -22.43
CA GLY A 197 -16.22 -36.30 -22.46
C GLY A 197 -14.99 -37.16 -22.27
N THR A 198 -13.82 -36.59 -22.53
CA THR A 198 -12.57 -37.35 -22.47
C THR A 198 -11.61 -36.80 -21.41
N GLN A 199 -11.33 -35.50 -21.49
CA GLN A 199 -10.37 -34.86 -20.60
C GLN A 199 -10.87 -34.82 -19.16
N THR A 200 -9.98 -35.17 -18.22
CA THR A 200 -10.32 -35.17 -16.81
C THR A 200 -9.80 -33.90 -16.14
N TYR A 201 -10.68 -33.21 -15.41
CA TYR A 201 -10.32 -31.97 -14.74
C TYR A 201 -10.38 -32.12 -13.23
N ILE A 202 -9.24 -31.93 -12.57
CA ILE A 202 -9.15 -32.09 -11.12
C ILE A 202 -8.86 -30.76 -10.43
N CYS A 203 -9.60 -30.47 -9.37
CA CYS A 203 -9.41 -29.26 -8.59
C CYS A 203 -8.50 -29.51 -7.39
N ASN A 204 -7.27 -29.00 -7.46
CA ASN A 204 -6.32 -29.18 -6.37
C ASN A 204 -6.38 -28.03 -5.36
N VAL A 205 -7.00 -28.29 -4.21
CA VAL A 205 -7.15 -27.27 -3.18
C VAL A 205 -6.21 -27.53 -2.01
N ASN A 206 -5.40 -26.53 -1.68
CA ASN A 206 -4.45 -26.66 -0.57
C ASN A 206 -4.63 -25.56 0.46
N HIS A 207 -4.89 -25.95 1.70
CA HIS A 207 -5.05 -25.01 2.80
C HIS A 207 -3.97 -25.24 3.86
N LYS A 208 -2.87 -24.52 3.73
CA LYS A 208 -1.71 -24.68 4.63
C LYS A 208 -1.99 -24.44 6.12
N PRO A 209 -2.77 -23.41 6.48
CA PRO A 209 -3.00 -23.20 7.92
C PRO A 209 -3.67 -24.38 8.63
N SER A 210 -4.46 -25.17 7.92
CA SER A 210 -5.11 -26.33 8.50
C SER A 210 -4.52 -27.63 7.98
N ASN A 211 -3.46 -27.50 7.18
CA ASN A 211 -2.79 -28.65 6.56
C ASN A 211 -3.76 -29.55 5.81
N THR A 212 -4.59 -28.94 4.96
CA THR A 212 -5.59 -29.68 4.21
C THR A 212 -5.28 -29.69 2.71
N LYS A 213 -5.27 -30.89 2.13
CA LYS A 213 -5.03 -31.04 0.69
C LYS A 213 -6.17 -31.85 0.06
N VAL A 214 -6.94 -31.20 -0.80
CA VAL A 214 -8.10 -31.83 -1.42
C VAL A 214 -8.02 -31.82 -2.94
N ASP A 215 -8.17 -32.99 -3.55
CA ASP A 215 -8.26 -33.11 -5.00
C ASP A 215 -9.66 -33.53 -5.41
N LYS A 216 -10.37 -32.62 -6.09
CA LYS A 216 -11.76 -32.88 -6.45
C LYS A 216 -11.93 -33.00 -7.96
N LYS A 217 -12.51 -34.10 -8.40
CA LYS A 217 -12.76 -34.33 -9.82
C LYS A 217 -14.08 -33.69 -10.24
N VAL A 218 -14.02 -32.85 -11.28
CA VAL A 218 -15.20 -32.18 -11.78
C VAL A 218 -15.66 -32.79 -13.10
N GLU A 219 -16.90 -33.27 -13.12
CA GLU A 219 -17.46 -33.92 -14.29
C GLU A 219 -18.94 -33.59 -14.43
N PRO A 220 -19.46 -33.58 -15.66
CA PRO A 220 -20.88 -33.33 -15.92
C PRO A 220 -21.80 -34.33 -15.22
N GLU B 1 -4.72 18.66 10.66
CA GLU B 1 -4.44 17.71 9.60
C GLU B 1 -4.60 18.35 8.22
N ILE B 2 -3.66 18.07 7.33
CA ILE B 2 -3.74 18.54 5.95
C ILE B 2 -4.30 17.43 5.06
N VAL B 3 -5.55 17.62 4.61
CA VAL B 3 -6.23 16.61 3.81
C VAL B 3 -5.72 16.61 2.37
N LEU B 4 -5.39 15.44 1.87
CA LEU B 4 -4.96 15.28 0.48
C LEU B 4 -6.03 14.56 -0.34
N THR B 5 -6.55 15.25 -1.36
CA THR B 5 -7.57 14.67 -2.22
C THR B 5 -7.03 14.43 -3.62
N GLN B 6 -7.07 13.19 -4.07
CA GLN B 6 -6.60 12.84 -5.41
C GLN B 6 -7.77 12.75 -6.39
N SER B 7 -7.47 12.97 -7.67
CA SER B 7 -8.50 12.93 -8.70
C SER B 7 -7.90 12.59 -10.06
N PRO B 8 -8.59 11.75 -10.84
CA PRO B 8 -9.86 11.12 -10.46
C PRO B 8 -9.65 9.84 -9.65
N ALA B 9 -10.73 9.12 -9.37
CA ALA B 9 -10.65 7.87 -8.62
C ALA B 9 -10.02 6.78 -9.47
N THR B 10 -10.35 6.77 -10.76
CA THR B 10 -9.85 5.76 -11.68
C THR B 10 -9.54 6.34 -13.05
N LEU B 11 -8.36 6.01 -13.58
CA LEU B 11 -7.96 6.47 -14.90
C LEU B 11 -7.84 5.30 -15.88
N SER B 12 -8.77 5.24 -16.82
CA SER B 12 -8.76 4.19 -17.84
C SER B 12 -8.07 4.69 -19.10
N LEU B 13 -6.82 4.28 -19.30
CA LEU B 13 -6.05 4.72 -20.45
C LEU B 13 -5.39 3.55 -21.16
N SER B 14 -5.07 3.74 -22.44
CA SER B 14 -4.40 2.72 -23.24
C SER B 14 -2.89 2.81 -23.09
N PRO B 15 -2.20 1.65 -23.17
CA PRO B 15 -0.73 1.62 -23.09
C PRO B 15 -0.08 2.49 -24.16
N GLY B 16 0.66 3.50 -23.74
CA GLY B 16 1.30 4.43 -24.66
C GLY B 16 0.83 5.86 -24.43
N GLU B 17 -0.42 6.00 -24.02
CA GLU B 17 -0.99 7.31 -23.74
C GLU B 17 -0.38 7.90 -22.47
N ARG B 18 -0.60 9.19 -22.25
CA ARG B 18 -0.06 9.85 -21.06
C ARG B 18 -1.13 10.01 -19.98
N ALA B 19 -0.70 9.98 -18.72
CA ALA B 19 -1.61 10.08 -17.60
C ALA B 19 -1.33 11.31 -16.74
N THR B 20 -2.39 12.01 -16.36
CA THR B 20 -2.27 13.20 -15.53
C THR B 20 -3.03 13.04 -14.23
N LEU B 21 -2.29 12.78 -13.15
CA LEU B 21 -2.90 12.54 -11.84
C LEU B 21 -2.79 13.79 -10.97
N SER B 22 -3.91 14.18 -10.37
CA SER B 22 -3.95 15.40 -9.57
C SER B 22 -3.93 15.10 -8.07
N CYS B 23 -3.50 16.09 -7.28
CA CYS B 23 -3.48 15.97 -5.83
C CYS B 23 -3.66 17.34 -5.19
N ARG B 24 -4.82 17.57 -4.58
CA ARG B 24 -5.11 18.85 -3.94
C ARG B 24 -4.98 18.75 -2.43
N ALA B 25 -4.50 19.82 -1.81
CA ALA B 25 -4.33 19.86 -0.37
C ALA B 25 -5.22 20.94 0.26
N SER B 26 -5.60 20.73 1.51
CA SER B 26 -6.45 21.69 2.22
C SER B 26 -5.72 23.01 2.44
N GLN B 27 -4.39 22.94 2.50
CA GLN B 27 -3.58 24.14 2.64
C GLN B 27 -2.19 23.93 2.01
N SER B 28 -1.38 24.98 1.99
CA SER B 28 -0.06 24.92 1.37
C SER B 28 0.86 23.93 2.07
N VAL B 29 1.53 23.11 1.28
CA VAL B 29 2.49 22.14 1.80
C VAL B 29 3.90 22.49 1.35
N ASN B 30 4.00 23.48 0.46
CA ASN B 30 5.27 24.05 0.04
C ASN B 30 6.24 23.02 -0.53
N ASN B 31 5.85 22.41 -1.65
CA ASN B 31 6.67 21.43 -2.37
C ASN B 31 6.96 20.14 -1.58
N ARG B 32 6.66 20.15 -0.29
CA ARG B 32 6.91 18.98 0.56
C ARG B 32 5.87 17.89 0.31
N LEU B 33 5.80 17.41 -0.92
CA LEU B 33 4.86 16.37 -1.30
C LEU B 33 5.59 15.22 -1.99
N ALA B 34 5.13 14.00 -1.74
CA ALA B 34 5.75 12.82 -2.31
C ALA B 34 4.72 11.95 -3.05
N TRP B 35 5.21 11.22 -4.05
CA TRP B 35 4.35 10.32 -4.83
C TRP B 35 4.81 8.87 -4.72
N TYR B 36 3.86 7.95 -4.68
CA TYR B 36 4.14 6.54 -4.59
C TYR B 36 3.30 5.73 -5.57
N GLN B 37 3.79 4.55 -5.95
CA GLN B 37 2.98 3.60 -6.70
C GLN B 37 2.89 2.30 -5.93
N GLN B 38 1.78 1.59 -6.09
CA GLN B 38 1.59 0.32 -5.39
C GLN B 38 0.91 -0.71 -6.28
N LYS B 39 1.59 -1.82 -6.49
CA LYS B 39 1.04 -2.96 -7.22
C LYS B 39 0.48 -3.97 -6.23
N PRO B 40 -0.57 -4.71 -6.64
CA PRO B 40 -1.23 -5.70 -5.77
C PRO B 40 -0.26 -6.68 -5.12
N GLY B 41 -0.31 -6.79 -3.80
CA GLY B 41 0.54 -7.71 -3.07
C GLY B 41 1.96 -7.19 -2.88
N GLN B 42 2.14 -5.89 -3.10
CA GLN B 42 3.46 -5.28 -2.95
C GLN B 42 3.40 -3.99 -2.13
N ALA B 43 4.52 -3.67 -1.50
CA ALA B 43 4.64 -2.44 -0.71
C ALA B 43 4.72 -1.23 -1.63
N PRO B 44 4.29 -0.06 -1.14
CA PRO B 44 4.39 1.20 -1.90
C PRO B 44 5.82 1.49 -2.35
N ARG B 45 5.95 2.19 -3.47
CA ARG B 45 7.26 2.47 -4.07
C ARG B 45 7.44 3.96 -4.32
N LEU B 46 8.46 4.55 -3.70
CA LEU B 46 8.71 5.98 -3.83
C LEU B 46 9.06 6.38 -5.25
N LEU B 47 8.35 7.37 -5.77
CA LEU B 47 8.57 7.85 -7.13
C LEU B 47 9.12 9.28 -7.13
N ILE B 48 8.36 10.20 -6.55
CA ILE B 48 8.75 11.60 -6.49
C ILE B 48 8.76 12.10 -5.05
N HIS B 49 9.72 12.97 -4.74
CA HIS B 49 9.69 13.73 -3.49
C HIS B 49 10.05 15.17 -3.81
N TRP B 50 9.78 16.08 -2.89
CA TRP B 50 9.98 17.50 -3.10
C TRP B 50 9.19 17.95 -4.34
N ALA B 51 8.01 17.36 -4.50
CA ALA B 51 7.06 17.68 -5.58
C ALA B 51 7.55 17.34 -6.99
N SER B 52 8.81 17.62 -7.28
CA SER B 52 9.33 17.45 -8.64
C SER B 52 10.57 16.54 -8.73
N THR B 53 11.29 16.37 -7.64
CA THR B 53 12.53 15.60 -7.66
C THR B 53 12.28 14.10 -7.76
N ARG B 54 12.78 13.50 -8.84
CA ARG B 54 12.65 12.04 -9.03
C ARG B 54 13.60 11.28 -8.11
N ALA B 55 13.19 10.08 -7.71
CA ALA B 55 13.99 9.25 -6.83
C ALA B 55 14.99 8.42 -7.63
N ILE B 56 15.92 7.79 -6.92
CA ILE B 56 16.97 6.98 -7.56
C ILE B 56 16.40 5.72 -8.19
N GLY B 57 16.58 5.58 -9.50
CA GLY B 57 16.14 4.40 -10.21
C GLY B 57 14.74 4.52 -10.79
N ILE B 58 14.20 5.74 -10.77
CA ILE B 58 12.87 6.00 -11.30
C ILE B 58 12.95 6.47 -12.75
N PRO B 59 12.21 5.79 -13.65
CA PRO B 59 12.16 6.11 -15.08
C PRO B 59 11.83 7.58 -15.34
N ALA B 60 12.30 8.10 -16.47
CA ALA B 60 12.14 9.51 -16.79
C ALA B 60 10.72 9.85 -17.24
N ARG B 61 9.91 8.82 -17.50
CA ARG B 61 8.53 9.03 -17.93
C ARG B 61 7.68 9.61 -16.80
N PHE B 62 8.10 9.37 -15.56
CA PHE B 62 7.43 9.93 -14.40
C PHE B 62 7.85 11.37 -14.17
N SER B 63 6.89 12.25 -13.95
CA SER B 63 7.18 13.67 -13.74
C SER B 63 6.29 14.27 -12.66
N GLY B 64 6.83 15.25 -11.95
CA GLY B 64 6.09 15.92 -10.90
C GLY B 64 6.10 17.42 -11.05
N SER B 65 5.00 18.07 -10.69
CA SER B 65 4.88 19.52 -10.80
C SER B 65 3.83 20.07 -9.85
N GLY B 66 3.84 21.38 -9.65
CA GLY B 66 2.89 22.04 -8.76
C GLY B 66 3.54 22.51 -7.48
N SER B 67 2.92 23.50 -6.84
CA SER B 67 3.44 24.05 -5.60
C SER B 67 2.32 24.70 -4.78
N GLY B 68 2.29 24.40 -3.48
CA GLY B 68 1.29 24.96 -2.59
C GLY B 68 0.10 24.06 -2.39
N THR B 69 -0.91 24.22 -3.26
CA THR B 69 -2.14 23.46 -3.13
C THR B 69 -2.29 22.41 -4.23
N ASP B 70 -2.20 22.84 -5.48
CA ASP B 70 -2.38 21.95 -6.62
C ASP B 70 -1.07 21.26 -7.01
N PHE B 71 -1.12 19.94 -7.15
CA PHE B 71 0.04 19.15 -7.57
C PHE B 71 -0.35 18.14 -8.63
N THR B 72 0.64 17.66 -9.38
CA THR B 72 0.36 16.78 -10.51
C THR B 72 1.48 15.77 -10.77
N LEU B 73 1.11 14.50 -10.84
CA LEU B 73 2.03 13.45 -11.29
C LEU B 73 1.75 13.12 -12.75
N THR B 74 2.79 13.10 -13.57
CA THR B 74 2.64 12.89 -14.99
C THR B 74 3.43 11.68 -15.50
N ILE B 75 2.78 10.83 -16.28
CA ILE B 75 3.43 9.69 -16.90
C ILE B 75 3.36 9.82 -18.42
N SER B 76 4.49 10.14 -19.04
CA SER B 76 4.53 10.42 -20.48
C SER B 76 4.07 9.25 -21.34
N SER B 77 4.77 8.12 -21.23
CA SER B 77 4.42 6.94 -22.00
C SER B 77 4.08 5.76 -21.09
N LEU B 78 2.81 5.41 -21.02
CA LEU B 78 2.35 4.32 -20.16
C LEU B 78 2.88 2.97 -20.61
N GLU B 79 3.61 2.31 -19.72
CA GLU B 79 4.09 0.95 -19.96
C GLU B 79 3.22 -0.02 -19.17
N PRO B 80 3.18 -1.30 -19.61
CA PRO B 80 2.40 -2.33 -18.89
C PRO B 80 2.76 -2.44 -17.42
N GLU B 81 3.97 -2.05 -17.04
CA GLU B 81 4.40 -2.10 -15.65
C GLU B 81 4.17 -0.77 -14.94
N ASP B 82 3.23 0.02 -15.44
CA ASP B 82 2.92 1.32 -14.85
C ASP B 82 1.47 1.41 -14.40
N PHE B 83 0.67 0.44 -14.80
CA PHE B 83 -0.75 0.42 -14.46
C PHE B 83 -0.96 -0.11 -13.04
N ALA B 84 -1.13 0.80 -12.09
CA ALA B 84 -1.33 0.44 -10.70
C ALA B 84 -2.01 1.56 -9.92
N VAL B 85 -1.90 1.52 -8.60
CA VAL B 85 -2.47 2.56 -7.75
C VAL B 85 -1.39 3.56 -7.33
N TYR B 86 -1.72 4.85 -7.45
CA TYR B 86 -0.76 5.90 -7.10
C TYR B 86 -1.26 6.76 -5.94
N TYR B 87 -0.38 7.02 -4.99
CA TYR B 87 -0.70 7.82 -3.82
C TYR B 87 0.14 9.09 -3.74
N CYS B 88 -0.42 10.14 -3.15
CA CYS B 88 0.34 11.34 -2.86
C CYS B 88 0.46 11.51 -1.34
N GLN B 89 1.59 12.05 -0.89
CA GLN B 89 1.84 12.19 0.54
C GLN B 89 2.52 13.51 0.85
N GLN B 90 2.01 14.21 1.86
CA GLN B 90 2.58 15.48 2.28
C GLN B 90 3.41 15.30 3.54
N GLY B 91 4.50 16.06 3.66
CA GLY B 91 5.37 15.98 4.81
C GLY B 91 5.73 17.35 5.37
N ALA B 92 4.84 18.32 5.15
CA ALA B 92 5.06 19.68 5.63
C ALA B 92 4.61 19.84 7.08
N SER B 93 3.50 19.20 7.41
CA SER B 93 2.94 19.30 8.75
C SER B 93 2.56 17.94 9.31
N TRP B 94 2.84 17.75 10.60
CA TRP B 94 2.44 16.53 11.30
C TRP B 94 1.02 16.70 11.85
N PRO B 95 0.17 15.68 11.70
CA PRO B 95 0.45 14.35 11.15
C PRO B 95 0.58 14.30 9.63
N PHE B 96 1.58 13.59 9.15
CA PHE B 96 1.75 13.37 7.72
C PHE B 96 0.59 12.52 7.20
N THR B 97 0.08 12.86 6.03
CA THR B 97 -1.09 12.17 5.50
C THR B 97 -0.88 11.69 4.06
N PHE B 98 -1.67 10.69 3.68
CA PHE B 98 -1.68 10.20 2.30
C PHE B 98 -2.95 10.66 1.58
N GLY B 99 -2.97 10.49 0.26
CA GLY B 99 -4.16 10.77 -0.50
C GLY B 99 -5.06 9.54 -0.51
N GLN B 100 -6.25 9.67 -1.09
CA GLN B 100 -7.17 8.54 -1.17
C GLN B 100 -6.63 7.48 -2.11
N GLY B 101 -5.86 7.90 -3.11
CA GLY B 101 -5.29 6.99 -4.08
C GLY B 101 -5.98 7.05 -5.42
N THR B 102 -5.20 6.82 -6.48
CA THR B 102 -5.74 6.81 -7.84
C THR B 102 -5.28 5.56 -8.59
N LYS B 103 -6.25 4.78 -9.06
CA LYS B 103 -5.94 3.55 -9.79
C LYS B 103 -5.90 3.81 -11.29
N VAL B 104 -4.85 3.32 -11.95
CA VAL B 104 -4.71 3.45 -13.39
C VAL B 104 -4.90 2.10 -14.06
N GLU B 105 -6.07 1.91 -14.68
CA GLU B 105 -6.40 0.65 -15.33
C GLU B 105 -6.23 0.75 -16.84
N ILE B 106 -5.99 -0.40 -17.47
CA ILE B 106 -5.80 -0.45 -18.92
C ILE B 106 -7.14 -0.31 -19.65
N LYS B 107 -7.16 0.52 -20.68
CA LYS B 107 -8.36 0.73 -21.47
C LYS B 107 -8.32 -0.07 -22.77
N ARG B 108 -9.38 -0.84 -23.02
CA ARG B 108 -9.47 -1.65 -24.23
C ARG B 108 -10.86 -1.58 -24.83
N THR B 109 -11.08 -2.32 -25.91
CA THR B 109 -12.38 -2.37 -26.56
C THR B 109 -13.39 -3.09 -25.67
N VAL B 110 -14.67 -2.73 -25.82
CA VAL B 110 -15.73 -3.31 -25.02
C VAL B 110 -15.92 -4.79 -25.34
N ALA B 111 -15.95 -5.62 -24.30
CA ALA B 111 -16.13 -7.05 -24.47
C ALA B 111 -17.27 -7.56 -23.58
N ALA B 112 -18.23 -8.25 -24.20
CA ALA B 112 -19.36 -8.81 -23.48
C ALA B 112 -18.95 -10.04 -22.68
N PRO B 113 -19.49 -10.18 -21.46
CA PRO B 113 -19.18 -11.33 -20.60
C PRO B 113 -19.89 -12.61 -21.03
N SER B 114 -19.18 -13.73 -20.95
CA SER B 114 -19.81 -15.03 -21.15
C SER B 114 -20.40 -15.49 -19.82
N VAL B 115 -21.71 -15.70 -19.80
CA VAL B 115 -22.41 -15.99 -18.55
C VAL B 115 -22.64 -17.49 -18.36
N PHE B 116 -22.26 -17.98 -17.18
CA PHE B 116 -22.49 -19.38 -16.81
C PHE B 116 -23.12 -19.45 -15.43
N ILE B 117 -24.08 -20.36 -15.27
CA ILE B 117 -24.72 -20.56 -13.97
C ILE B 117 -24.46 -21.98 -13.47
N PHE B 118 -24.22 -22.11 -12.17
CA PHE B 118 -23.91 -23.41 -11.58
C PHE B 118 -24.87 -23.77 -10.45
N PRO B 119 -25.56 -24.91 -10.58
CA PRO B 119 -26.42 -25.42 -9.51
C PRO B 119 -25.57 -26.00 -8.37
N PRO B 120 -26.09 -25.96 -7.14
CA PRO B 120 -25.35 -26.53 -6.00
C PRO B 120 -25.20 -28.04 -6.13
N SER B 121 -24.01 -28.54 -5.83
CA SER B 121 -23.73 -29.97 -5.96
C SER B 121 -24.53 -30.78 -4.94
N ASP B 122 -24.70 -32.07 -5.24
CA ASP B 122 -25.41 -32.97 -4.34
C ASP B 122 -24.60 -33.20 -3.06
N GLU B 123 -23.30 -32.99 -3.15
CA GLU B 123 -22.41 -33.15 -2.00
C GLU B 123 -22.66 -32.06 -0.96
N GLN B 124 -22.91 -30.85 -1.44
CA GLN B 124 -23.15 -29.70 -0.56
C GLN B 124 -24.55 -29.74 0.02
N LEU B 125 -25.50 -30.25 -0.76
CA LEU B 125 -26.89 -30.34 -0.33
C LEU B 125 -27.05 -31.32 0.83
N LYS B 126 -26.17 -32.31 0.89
CA LYS B 126 -26.21 -33.29 1.97
C LYS B 126 -25.80 -32.66 3.30
N SER B 127 -25.01 -31.60 3.23
CA SER B 127 -24.57 -30.89 4.43
C SER B 127 -25.69 -30.04 5.00
N GLY B 128 -26.50 -29.46 4.12
CA GLY B 128 -27.64 -28.66 4.54
C GLY B 128 -27.56 -27.21 4.08
N THR B 129 -26.80 -26.98 3.02
CA THR B 129 -26.64 -25.64 2.47
C THR B 129 -26.55 -25.69 0.95
N ALA B 130 -27.18 -24.72 0.27
CA ALA B 130 -27.15 -24.66 -1.18
C ALA B 130 -26.53 -23.35 -1.66
N SER B 131 -25.51 -23.47 -2.50
CA SER B 131 -24.83 -22.30 -3.06
C SER B 131 -24.93 -22.30 -4.58
N VAL B 132 -25.65 -21.31 -5.12
CA VAL B 132 -25.77 -21.16 -6.56
C VAL B 132 -24.80 -20.10 -7.06
N VAL B 133 -23.99 -20.45 -8.06
CA VAL B 133 -22.94 -19.55 -8.54
C VAL B 133 -23.21 -19.09 -9.97
N CYS B 134 -23.15 -17.78 -10.19
CA CYS B 134 -23.25 -17.22 -11.53
C CYS B 134 -21.89 -16.65 -11.95
N LEU B 135 -21.39 -17.10 -13.10
CA LEU B 135 -20.06 -16.71 -13.55
C LEU B 135 -20.08 -15.73 -14.72
N LEU B 136 -19.37 -14.62 -14.57
CA LEU B 136 -19.16 -13.67 -15.66
C LEU B 136 -17.69 -13.72 -16.05
N ASN B 137 -17.43 -14.12 -17.30
CA ASN B 137 -16.05 -14.37 -17.73
C ASN B 137 -15.54 -13.42 -18.81
N ASN B 138 -14.39 -12.81 -18.55
CA ASN B 138 -13.68 -11.99 -19.53
C ASN B 138 -14.53 -10.89 -20.15
N PHE B 139 -14.68 -9.78 -19.45
CA PHE B 139 -15.45 -8.65 -19.96
C PHE B 139 -14.79 -7.31 -19.67
N TYR B 140 -15.25 -6.28 -20.39
CA TYR B 140 -14.78 -4.92 -20.20
C TYR B 140 -15.86 -3.95 -20.70
N PRO B 141 -16.12 -2.88 -19.94
CA PRO B 141 -15.45 -2.45 -18.71
C PRO B 141 -15.85 -3.25 -17.47
N ARG B 142 -15.32 -2.84 -16.32
CA ARG B 142 -15.50 -3.58 -15.07
C ARG B 142 -16.94 -3.56 -14.58
N GLU B 143 -17.65 -2.48 -14.89
CA GLU B 143 -19.03 -2.31 -14.43
C GLU B 143 -19.94 -3.40 -14.98
N ALA B 144 -20.56 -4.16 -14.08
CA ALA B 144 -21.45 -5.24 -14.45
C ALA B 144 -22.50 -5.49 -13.37
N LYS B 145 -23.77 -5.53 -13.77
CA LYS B 145 -24.87 -5.73 -12.84
C LYS B 145 -25.41 -7.15 -12.93
N VAL B 146 -25.34 -7.87 -11.82
CA VAL B 146 -25.86 -9.24 -11.76
C VAL B 146 -27.05 -9.32 -10.79
N GLN B 147 -28.16 -9.82 -11.29
CA GLN B 147 -29.37 -9.93 -10.47
C GLN B 147 -29.87 -11.37 -10.40
N TRP B 148 -30.16 -11.84 -9.20
CA TRP B 148 -30.65 -13.20 -8.98
C TRP B 148 -32.17 -13.25 -8.97
N LYS B 149 -32.72 -14.16 -9.77
CA LYS B 149 -34.17 -14.35 -9.82
C LYS B 149 -34.53 -15.79 -9.49
N VAL B 150 -35.27 -15.97 -8.39
CA VAL B 150 -35.72 -17.29 -7.97
C VAL B 150 -37.23 -17.40 -8.14
N ASP B 151 -37.65 -18.25 -9.07
CA ASP B 151 -39.06 -18.34 -9.46
C ASP B 151 -39.59 -16.96 -9.87
N ASN B 152 -38.84 -16.29 -10.73
CA ASN B 152 -39.17 -14.96 -11.23
C ASN B 152 -39.35 -13.93 -10.11
N ALA B 153 -38.60 -14.09 -9.03
CA ALA B 153 -38.62 -13.15 -7.92
C ALA B 153 -37.23 -12.62 -7.64
N LEU B 154 -37.08 -11.30 -7.67
CA LEU B 154 -35.80 -10.65 -7.46
C LEU B 154 -35.30 -10.82 -6.03
N GLN B 155 -34.11 -11.39 -5.88
CA GLN B 155 -33.53 -11.61 -4.56
C GLN B 155 -32.74 -10.39 -4.10
N SER B 156 -32.47 -10.32 -2.81
CA SER B 156 -31.74 -9.20 -2.23
C SER B 156 -31.13 -9.53 -0.87
N GLY B 157 -29.85 -9.23 -0.71
CA GLY B 157 -29.17 -9.38 0.57
C GLY B 157 -28.74 -10.79 0.90
N ASN B 158 -28.89 -11.71 -0.07
CA ASN B 158 -28.52 -13.10 0.15
C ASN B 158 -27.47 -13.58 -0.85
N SER B 159 -26.70 -12.65 -1.38
CA SER B 159 -25.67 -12.98 -2.37
C SER B 159 -24.39 -12.17 -2.16
N GLN B 160 -23.25 -12.80 -2.44
CA GLN B 160 -21.96 -12.12 -2.39
C GLN B 160 -21.23 -12.29 -3.71
N GLU B 161 -20.39 -11.32 -4.05
CA GLU B 161 -19.64 -11.37 -5.29
C GLU B 161 -18.20 -10.90 -5.11
N SER B 162 -17.35 -11.29 -6.05
CA SER B 162 -15.96 -10.84 -6.06
C SER B 162 -15.46 -10.76 -7.50
N VAL B 163 -14.65 -9.75 -7.78
CA VAL B 163 -14.14 -9.53 -9.13
C VAL B 163 -12.62 -9.70 -9.17
N THR B 164 -12.14 -10.41 -10.18
CA THR B 164 -10.71 -10.58 -10.38
C THR B 164 -10.06 -9.26 -10.81
N GLU B 165 -8.74 -9.18 -10.65
CA GLU B 165 -8.00 -8.03 -11.14
C GLU B 165 -7.98 -8.04 -12.67
N GLN B 166 -7.56 -6.94 -13.26
CA GLN B 166 -7.49 -6.85 -14.72
C GLN B 166 -6.49 -7.87 -15.26
N ASP B 167 -6.94 -8.69 -16.21
CA ASP B 167 -6.13 -9.77 -16.75
C ASP B 167 -4.84 -9.25 -17.37
N SER B 168 -3.77 -10.05 -17.25
CA SER B 168 -2.45 -9.64 -17.73
C SER B 168 -2.36 -9.67 -19.25
N LYS B 169 -3.18 -10.52 -19.88
CA LYS B 169 -3.12 -10.70 -21.33
C LYS B 169 -4.19 -9.91 -22.07
N ASP B 170 -5.45 -10.27 -21.87
CA ASP B 170 -6.55 -9.66 -22.60
C ASP B 170 -7.11 -8.43 -21.89
N SER B 171 -6.60 -8.16 -20.69
CA SER B 171 -6.98 -6.99 -19.90
C SER B 171 -8.49 -6.91 -19.64
N THR B 172 -9.09 -8.05 -19.30
CA THR B 172 -10.50 -8.10 -18.98
C THR B 172 -10.73 -8.45 -17.51
N TYR B 173 -11.98 -8.38 -17.09
CA TYR B 173 -12.35 -8.72 -15.72
C TYR B 173 -13.25 -9.95 -15.69
N SER B 174 -13.35 -10.57 -14.52
CA SER B 174 -14.26 -11.69 -14.32
C SER B 174 -14.95 -11.58 -12.98
N LEU B 175 -16.23 -11.93 -12.94
CA LEU B 175 -17.03 -11.79 -11.73
C LEU B 175 -17.66 -13.13 -11.34
N SER B 176 -17.71 -13.39 -10.04
CA SER B 176 -18.31 -14.61 -9.51
C SER B 176 -19.32 -14.28 -8.41
N SER B 177 -20.60 -14.42 -8.73
CA SER B 177 -21.66 -14.14 -7.76
C SER B 177 -22.22 -15.44 -7.20
N THR B 178 -22.22 -15.56 -5.88
CA THR B 178 -22.71 -16.76 -5.22
C THR B 178 -24.01 -16.51 -4.47
N LEU B 179 -25.04 -17.27 -4.80
CA LEU B 179 -26.32 -17.19 -4.11
C LEU B 179 -26.39 -18.26 -3.02
N THR B 180 -26.38 -17.83 -1.78
CA THR B 180 -26.37 -18.77 -0.65
C THR B 180 -27.76 -18.93 -0.04
N LEU B 181 -28.25 -20.17 -0.05
CA LEU B 181 -29.55 -20.48 0.54
C LEU B 181 -29.47 -21.77 1.35
N SER B 182 -30.35 -21.91 2.33
CA SER B 182 -30.43 -23.14 3.11
C SER B 182 -31.00 -24.26 2.26
N LYS B 183 -30.79 -25.50 2.68
CA LYS B 183 -31.30 -26.65 1.94
C LYS B 183 -32.82 -26.64 1.87
N ALA B 184 -33.45 -26.21 2.96
CA ALA B 184 -34.91 -26.18 3.04
C ALA B 184 -35.49 -25.13 2.10
N ASP B 185 -34.90 -23.94 2.09
CA ASP B 185 -35.37 -22.85 1.25
C ASP B 185 -35.10 -23.12 -0.23
N TYR B 186 -34.02 -23.85 -0.49
CA TYR B 186 -33.65 -24.20 -1.86
C TYR B 186 -34.63 -25.20 -2.47
N GLU B 187 -35.20 -26.04 -1.61
CA GLU B 187 -36.15 -27.06 -2.06
C GLU B 187 -37.56 -26.51 -2.18
N LYS B 188 -37.73 -25.23 -1.84
CA LYS B 188 -39.04 -24.59 -1.91
C LYS B 188 -39.32 -24.00 -3.29
N HIS B 189 -38.28 -23.91 -4.11
CA HIS B 189 -38.41 -23.27 -5.42
C HIS B 189 -37.93 -24.19 -6.54
N LYS B 190 -38.12 -23.74 -7.78
CA LYS B 190 -37.78 -24.54 -8.95
C LYS B 190 -36.84 -23.81 -9.91
N VAL B 191 -37.19 -22.57 -10.26
CA VAL B 191 -36.41 -21.81 -11.23
C VAL B 191 -35.38 -20.90 -10.56
N TYR B 192 -34.11 -21.11 -10.92
CA TYR B 192 -33.02 -20.27 -10.42
C TYR B 192 -32.27 -19.65 -11.60
N ALA B 193 -32.20 -18.32 -11.61
CA ALA B 193 -31.60 -17.62 -12.74
C ALA B 193 -30.76 -16.43 -12.29
N CYS B 194 -29.77 -16.08 -13.11
CA CYS B 194 -29.00 -14.87 -12.90
C CYS B 194 -29.07 -13.98 -14.15
N GLU B 195 -29.53 -12.75 -13.97
CA GLU B 195 -29.68 -11.81 -15.08
C GLU B 195 -28.52 -10.84 -15.12
N VAL B 196 -27.74 -10.90 -16.21
CA VAL B 196 -26.54 -10.10 -16.33
C VAL B 196 -26.74 -8.88 -17.22
N THR B 197 -26.37 -7.72 -16.70
CA THR B 197 -26.44 -6.48 -17.46
C THR B 197 -25.03 -5.91 -17.65
N HIS B 198 -24.66 -5.70 -18.91
CA HIS B 198 -23.34 -5.16 -19.23
C HIS B 198 -23.39 -4.24 -20.44
N GLN B 199 -22.40 -3.36 -20.56
CA GLN B 199 -22.32 -2.41 -21.65
C GLN B 199 -22.19 -3.10 -23.01
N GLY B 200 -21.52 -4.24 -23.03
CA GLY B 200 -21.32 -5.01 -24.25
C GLY B 200 -22.52 -5.86 -24.61
N LEU B 201 -23.59 -5.72 -23.85
CA LEU B 201 -24.81 -6.47 -24.10
C LEU B 201 -25.97 -5.55 -24.48
N SER B 202 -26.57 -5.81 -25.64
CA SER B 202 -27.72 -5.04 -26.10
C SER B 202 -28.96 -5.46 -25.31
N SER B 203 -28.94 -6.67 -24.78
CA SER B 203 -30.04 -7.19 -23.99
C SER B 203 -29.51 -7.98 -22.78
N PRO B 204 -30.20 -7.87 -21.64
CA PRO B 204 -29.83 -8.61 -20.43
C PRO B 204 -29.81 -10.12 -20.65
N VAL B 205 -28.65 -10.73 -20.44
CA VAL B 205 -28.50 -12.17 -20.62
C VAL B 205 -28.91 -12.94 -19.37
N THR B 206 -29.85 -13.86 -19.54
CA THR B 206 -30.35 -14.65 -18.42
C THR B 206 -30.01 -16.13 -18.56
N LYS B 207 -29.18 -16.64 -17.66
CA LYS B 207 -28.88 -18.07 -17.62
C LYS B 207 -29.62 -18.69 -16.45
N SER B 208 -30.24 -19.84 -16.69
CA SER B 208 -31.08 -20.46 -15.66
C SER B 208 -31.00 -21.99 -15.66
N PHE B 209 -31.64 -22.58 -14.66
CA PHE B 209 -31.77 -24.02 -14.56
C PHE B 209 -32.95 -24.37 -13.66
N ASN B 210 -33.59 -25.49 -13.93
CA ASN B 210 -34.68 -25.96 -13.08
C ASN B 210 -34.17 -27.03 -12.11
N ARG B 211 -34.52 -26.87 -10.83
CA ARG B 211 -34.09 -27.80 -9.80
C ARG B 211 -34.61 -29.21 -10.06
N GLY B 212 -33.73 -30.09 -10.51
CA GLY B 212 -34.11 -31.46 -10.81
C GLY B 212 -34.09 -31.73 -12.31
N GLN C 1 17.53 32.54 -6.23
CA GLN C 1 17.00 31.75 -5.12
C GLN C 1 17.56 32.26 -3.80
N LEU C 2 18.05 31.36 -2.96
CA LEU C 2 18.61 31.74 -1.67
C LEU C 2 20.01 32.31 -1.82
N LEU C 3 20.26 33.41 -1.11
CA LEU C 3 21.56 34.07 -1.17
C LEU C 3 22.26 34.05 0.18
N PHE C 4 23.59 34.03 0.16
CA PHE C 4 24.40 34.01 1.37
C PHE C 4 25.46 35.10 1.34
N ASN C 5 25.81 35.65 2.50
CA ASN C 5 26.97 36.53 2.57
C ASN C 5 28.21 35.69 2.84
N LYS C 6 28.44 34.74 1.94
CA LYS C 6 29.39 33.63 2.12
C LYS C 6 30.77 34.00 2.65
N THR C 7 31.38 33.04 3.34
CA THR C 7 32.74 33.18 3.85
C THR C 7 33.61 32.05 3.30
N LYS C 8 34.82 32.41 2.84
CA LYS C 8 35.72 31.44 2.24
C LYS C 8 36.13 30.34 3.22
N SER C 9 36.69 30.74 4.35
CA SER C 9 37.16 29.78 5.34
C SER C 9 37.27 30.40 6.72
N VAL C 10 37.17 29.56 7.75
CA VAL C 10 37.36 29.99 9.13
C VAL C 10 38.46 29.16 9.79
N GLU C 11 39.23 29.80 10.67
CA GLU C 11 40.35 29.13 11.31
C GLU C 11 40.20 29.09 12.82
N PHE C 12 40.62 27.99 13.43
CA PHE C 12 40.62 27.86 14.88
C PHE C 12 41.95 27.28 15.35
N THR C 13 42.28 27.53 16.62
CA THR C 13 43.54 27.07 17.18
C THR C 13 43.32 26.29 18.47
N PHE C 14 44.39 26.12 19.24
CA PHE C 14 44.31 25.40 20.50
C PHE C 14 43.51 26.19 21.53
N GLY C 15 43.55 27.51 21.41
CA GLY C 15 42.83 28.40 22.32
C GLY C 15 41.33 28.35 22.10
N ASN C 16 40.91 27.96 20.89
CA ASN C 16 39.50 27.86 20.56
C ASN C 16 38.83 26.69 21.29
N ASP C 17 38.10 27.01 22.35
CA ASP C 17 37.37 26.00 23.11
C ASP C 17 36.28 25.37 22.24
N THR C 18 35.54 26.23 21.53
CA THR C 18 34.54 25.77 20.58
C THR C 18 34.72 26.49 19.24
N VAL C 19 34.30 25.84 18.16
CA VAL C 19 34.39 26.46 16.84
C VAL C 19 33.00 26.77 16.30
N VAL C 20 32.92 27.77 15.43
CA VAL C 20 31.65 28.17 14.84
C VAL C 20 31.78 28.33 13.33
N ILE C 21 31.05 27.52 12.58
CA ILE C 21 31.05 27.61 11.12
C ILE C 21 29.86 28.45 10.65
N PRO C 22 30.15 29.63 10.08
CA PRO C 22 29.13 30.60 9.70
C PRO C 22 28.26 30.16 8.53
N CYS C 23 26.98 30.55 8.58
CA CYS C 23 26.04 30.29 7.50
C CYS C 23 24.85 31.24 7.62
N PHE C 24 24.83 32.28 6.79
CA PHE C 24 23.80 33.30 6.86
C PHE C 24 23.06 33.48 5.54
N VAL C 25 21.76 33.22 5.56
CA VAL C 25 20.93 33.48 4.39
C VAL C 25 20.43 34.91 4.43
N THR C 26 20.59 35.63 3.33
CA THR C 26 20.25 37.05 3.29
C THR C 26 18.81 37.29 2.85
N ASN C 27 18.24 36.37 2.08
CA ASN C 27 16.90 36.56 1.55
C ASN C 27 15.91 35.49 1.99
N MET C 28 15.80 35.30 3.31
CA MET C 28 14.82 34.38 3.86
C MET C 28 13.47 35.07 4.04
N GLU C 29 12.39 34.34 3.77
CA GLU C 29 11.04 34.89 3.89
C GLU C 29 10.17 34.04 4.80
N ALA C 30 10.77 33.02 5.42
CA ALA C 30 10.05 32.14 6.32
C ALA C 30 9.67 32.87 7.61
N GLN C 31 8.44 32.68 8.05
CA GLN C 31 7.96 33.31 9.28
C GLN C 31 7.86 32.31 10.42
N ASN C 32 8.19 31.05 10.13
CA ASN C 32 8.13 30.00 11.15
C ASN C 32 9.24 28.98 10.94
N THR C 33 9.78 28.46 12.04
CA THR C 33 10.87 27.50 11.99
C THR C 33 10.41 26.15 11.44
N THR C 34 9.10 25.95 11.39
CA THR C 34 8.53 24.71 10.86
C THR C 34 8.65 24.65 9.34
N GLU C 35 8.98 25.79 8.73
CA GLU C 35 9.12 25.88 7.28
C GLU C 35 10.57 25.80 6.86
N VAL C 36 11.46 25.55 7.82
CA VAL C 36 12.89 25.52 7.55
C VAL C 36 13.50 24.15 7.81
N TYR C 37 14.32 23.69 6.87
CA TYR C 37 15.02 22.41 7.00
C TYR C 37 16.51 22.61 6.74
N VAL C 38 17.31 22.49 7.80
CA VAL C 38 18.75 22.72 7.69
C VAL C 38 19.55 21.43 7.82
N LYS C 39 20.47 21.22 6.89
CA LYS C 39 21.38 20.07 6.94
C LYS C 39 22.82 20.51 6.73
N TRP C 40 23.69 20.16 7.68
CA TRP C 40 25.11 20.41 7.54
C TRP C 40 25.82 19.15 7.06
N LYS C 41 26.61 19.29 6.00
CA LYS C 41 27.33 18.14 5.43
C LYS C 41 28.84 18.27 5.57
N PHE C 42 29.50 17.14 5.76
CA PHE C 42 30.96 17.09 5.82
C PHE C 42 31.45 15.81 5.18
N LYS C 43 32.16 15.96 4.05
CA LYS C 43 32.66 14.84 3.27
C LYS C 43 31.55 13.88 2.86
N GLY C 44 30.42 14.46 2.45
CA GLY C 44 29.29 13.68 1.95
C GLY C 44 28.49 12.97 3.02
N ARG C 45 28.47 13.54 4.22
CA ARG C 45 27.73 12.94 5.33
C ARG C 45 26.95 14.00 6.10
N ASP C 46 25.68 13.70 6.40
CA ASP C 46 24.84 14.58 7.20
C ASP C 46 25.31 14.58 8.65
N ILE C 47 26.13 15.57 9.01
CA ILE C 47 26.69 15.63 10.36
C ILE C 47 25.81 16.45 11.29
N TYR C 48 24.89 17.23 10.71
CA TYR C 48 23.85 17.89 11.48
C TYR C 48 22.59 18.04 10.64
N THR C 49 21.44 17.98 11.31
CA THR C 49 20.16 18.12 10.64
C THR C 49 19.12 18.74 11.57
N PHE C 50 18.41 19.75 11.07
CA PHE C 50 17.31 20.33 11.83
C PHE C 50 15.99 20.14 11.09
N ASP C 51 15.13 19.30 11.65
CA ASP C 51 13.81 19.06 11.07
C ASP C 51 12.80 20.04 11.66
N GLY C 52 12.52 21.10 10.92
CA GLY C 52 11.62 22.15 11.38
C GLY C 52 10.20 21.68 11.63
N ALA C 53 9.70 20.79 10.77
CA ALA C 53 8.34 20.30 10.89
C ALA C 53 8.16 19.43 12.14
N LEU C 54 9.21 18.73 12.53
CA LEU C 54 9.17 17.84 13.69
C LEU C 54 9.86 18.46 14.89
N ASN C 55 10.50 19.60 14.67
CA ASN C 55 11.22 20.34 15.71
C ASN C 55 12.25 19.49 16.44
N LYS C 56 13.15 18.87 15.69
CA LYS C 56 14.16 17.99 16.27
C LYS C 56 15.50 18.09 15.56
N SER C 57 16.58 18.05 16.34
CA SER C 57 17.92 18.07 15.78
C SER C 57 18.48 16.65 15.71
N THR C 58 19.21 16.35 14.63
CA THR C 58 19.76 15.02 14.44
C THR C 58 21.26 15.07 14.17
N VAL C 59 22.02 14.37 15.00
CA VAL C 59 23.48 14.31 14.84
C VAL C 59 24.00 12.88 14.97
N PRO C 60 25.01 12.53 14.17
CA PRO C 60 25.73 11.26 14.34
C PRO C 60 26.58 11.28 15.60
N THR C 61 27.14 10.13 15.98
CA THR C 61 27.85 10.02 17.25
C THR C 61 29.21 10.71 17.23
N ASP C 62 29.77 10.94 16.04
CA ASP C 62 31.07 11.60 15.93
C ASP C 62 30.92 13.11 15.99
N PHE C 63 29.68 13.59 15.87
CA PHE C 63 29.38 15.00 16.01
C PHE C 63 28.34 15.21 17.11
N SER C 64 28.62 14.68 18.29
CA SER C 64 27.67 14.69 19.39
C SER C 64 27.40 16.10 19.94
N SER C 65 28.33 17.02 19.72
CA SER C 65 28.24 18.36 20.27
C SER C 65 27.77 19.38 19.23
N ALA C 66 27.58 18.93 18.00
CA ALA C 66 27.17 19.83 16.91
C ALA C 66 25.72 20.30 17.11
N LYS C 67 25.52 21.60 17.01
CA LYS C 67 24.19 22.19 17.16
C LYS C 67 24.14 23.60 16.58
N ILE C 68 22.93 24.05 16.26
CA ILE C 68 22.72 25.42 15.79
C ILE C 68 21.73 26.14 16.70
N GLU C 69 21.75 27.46 16.66
CA GLU C 69 20.82 28.26 17.45
C GLU C 69 19.50 28.43 16.68
N VAL C 70 18.48 27.70 17.11
CA VAL C 70 17.20 27.68 16.43
C VAL C 70 16.52 29.06 16.45
N SER C 71 16.76 29.81 17.52
CA SER C 71 16.15 31.13 17.69
C SER C 71 16.72 32.16 16.71
N GLN C 72 17.78 31.78 16.00
CA GLN C 72 18.42 32.69 15.04
C GLN C 72 18.17 32.26 13.59
N LEU C 73 17.39 31.20 13.41
CA LEU C 73 17.11 30.66 12.08
C LEU C 73 16.34 31.64 11.20
N LEU C 74 15.26 32.20 11.73
CA LEU C 74 14.41 33.09 10.96
C LEU C 74 15.11 34.40 10.62
N LYS C 75 16.25 34.64 11.24
CA LYS C 75 17.07 35.80 10.93
C LYS C 75 18.09 35.48 9.84
N GLY C 76 18.06 34.22 9.38
CA GLY C 76 18.95 33.78 8.32
C GLY C 76 20.17 33.07 8.86
N ASP C 77 20.39 33.17 10.16
CA ASP C 77 21.57 32.58 10.80
C ASP C 77 21.38 31.08 11.02
N ALA C 78 22.17 30.29 10.30
CA ALA C 78 22.15 28.84 10.44
C ALA C 78 23.54 28.32 10.80
N SER C 79 24.30 29.13 11.53
CA SER C 79 25.67 28.80 11.89
C SER C 79 25.75 27.56 12.77
N LEU C 80 26.73 26.72 12.48
CA LEU C 80 26.92 25.48 13.22
C LEU C 80 27.91 25.66 14.37
N LYS C 81 27.54 25.19 15.54
CA LYS C 81 28.42 25.28 16.71
C LYS C 81 28.76 23.90 17.26
N MET C 82 30.05 23.68 17.52
CA MET C 82 30.52 22.43 18.10
C MET C 82 31.73 22.66 18.98
N ASP C 83 32.08 21.66 19.80
CA ASP C 83 33.29 21.78 20.62
C ASP C 83 34.53 21.38 19.85
N LYS C 84 35.69 21.79 20.34
CA LYS C 84 36.96 21.58 19.66
C LYS C 84 37.28 20.09 19.45
N SER C 85 36.82 19.25 20.37
CA SER C 85 37.09 17.81 20.29
C SER C 85 36.47 17.18 19.05
N ASP C 86 35.36 17.75 18.58
CA ASP C 86 34.69 17.26 17.39
C ASP C 86 35.23 17.91 16.12
N ALA C 87 35.89 19.06 16.28
CA ALA C 87 36.41 19.80 15.14
C ALA C 87 37.85 19.40 14.83
N VAL C 88 38.57 18.90 15.83
CA VAL C 88 39.97 18.53 15.70
C VAL C 88 40.19 17.50 14.59
N SER C 89 39.36 16.47 14.57
CA SER C 89 39.50 15.40 13.60
C SER C 89 38.57 15.58 12.40
N HIS C 90 38.01 16.79 12.27
CA HIS C 90 37.06 17.07 11.20
C HIS C 90 37.35 18.39 10.51
N THR C 91 38.59 18.56 10.05
CA THR C 91 38.95 19.74 9.28
C THR C 91 38.68 19.52 7.80
N GLY C 92 38.19 20.55 7.13
CA GLY C 92 37.88 20.45 5.71
C GLY C 92 36.71 21.32 5.30
N ASN C 93 36.05 20.95 4.21
CA ASN C 93 34.94 21.73 3.69
C ASN C 93 33.58 21.29 4.21
N TYR C 94 32.88 22.22 4.85
CA TYR C 94 31.54 21.97 5.34
C TYR C 94 30.51 22.58 4.38
N THR C 95 29.41 21.85 4.16
CA THR C 95 28.35 22.33 3.30
C THR C 95 27.10 22.65 4.13
N CYS C 96 26.66 23.90 4.05
CA CYS C 96 25.46 24.34 4.75
C CYS C 96 24.27 24.41 3.81
N GLU C 97 23.48 23.34 3.77
CA GLU C 97 22.29 23.28 2.92
C GLU C 97 21.05 23.74 3.67
N VAL C 98 20.41 24.78 3.16
CA VAL C 98 19.23 25.35 3.82
C VAL C 98 17.99 25.25 2.94
N THR C 99 16.98 24.54 3.44
CA THR C 99 15.69 24.44 2.76
C THR C 99 14.67 25.36 3.44
N GLU C 100 14.23 26.37 2.72
CA GLU C 100 13.34 27.38 3.28
C GLU C 100 12.07 27.53 2.44
N LEU C 101 10.96 27.04 2.99
CA LEU C 101 9.67 27.08 2.32
C LEU C 101 9.72 26.44 0.93
N THR C 102 9.66 27.27 -0.10
CA THR C 102 9.66 26.78 -1.47
C THR C 102 11.07 26.73 -2.08
N ARG C 103 11.98 27.51 -1.50
CA ARG C 103 13.32 27.65 -2.06
C ARG C 103 14.35 26.81 -1.32
N GLU C 104 15.48 26.58 -1.97
CA GLU C 104 16.55 25.76 -1.39
C GLU C 104 17.90 26.14 -2.00
N GLY C 105 18.91 26.28 -1.14
CA GLY C 105 20.25 26.62 -1.57
C GLY C 105 21.29 26.13 -0.60
N GLU C 106 22.56 26.32 -0.93
CA GLU C 106 23.64 25.89 -0.06
C GLU C 106 24.93 26.68 -0.28
N THR C 107 25.78 26.70 0.74
CA THR C 107 27.07 27.35 0.66
C THR C 107 28.16 26.50 1.30
N ILE C 108 29.40 26.67 0.86
CA ILE C 108 30.51 25.86 1.35
C ILE C 108 31.51 26.68 2.17
N ILE C 109 31.77 26.23 3.39
CA ILE C 109 32.73 26.90 4.27
C ILE C 109 33.83 25.93 4.67
N GLU C 110 35.07 26.40 4.66
CA GLU C 110 36.21 25.55 5.01
C GLU C 110 36.66 25.76 6.44
N LEU C 111 36.86 24.67 7.17
CA LEU C 111 37.36 24.73 8.53
C LEU C 111 38.80 24.23 8.59
N LYS C 112 39.72 25.14 8.90
CA LYS C 112 41.14 24.81 8.90
C LYS C 112 41.80 25.11 10.24
N TYR C 113 42.90 24.43 10.52
CA TYR C 113 43.65 24.60 11.77
C TYR C 113 44.89 25.44 11.56
N ARG C 114 45.28 26.21 12.57
CA ARG C 114 46.46 27.06 12.48
C ARG C 114 47.34 26.91 13.72
#